data_3K4Y
#
_entry.id   3K4Y
#
_cell.length_a   78.090
_cell.length_b   99.230
_cell.length_c   87.410
_cell.angle_alpha   90.00
_cell.angle_beta   90.00
_cell.angle_gamma   90.00
#
_symmetry.space_group_name_H-M   'P 21 21 2'
#
loop_
_entity.id
_entity.type
_entity.pdbx_description
1 polymer 'isopentenyl phosphate kinase'
2 non-polymer '3-METHYLBUT-3-ENYL TRIHYDROGEN DIPHOSPHATE'
3 non-polymer 'SULFATE ION'
4 water water
#
_entity_poly.entity_id   1
_entity_poly.type   'polypeptide(L)'
_entity_poly.pdbx_seq_one_letter_code
;GSHGGSMLTILKLGGSILSDKNVPYSIKWDNLERIAMEIKNALDYYKNQNKEIKLILVHGGGAFGHPVAKKYLKIEDGKK
IFINMEKGFWEIQRAMRRFNNIIIDTLQSYDIPAVSIQPSSFVVFGDKLIFDTSAIKEMLKRNLVPVIHGDIVIDDKNGY
RIISGDDIVPYLANELKADLILYATDVDGVLIDNKPIKRIDKNNIYKILNYLSGSNSIDVTGGMKYKIEMIRKNKCRGFV
FNGNKANNIYKALLGEVEGTEIDFSE
;
_entity_poly.pdbx_strand_id   A,B
#
# COMPACT_ATOMS: atom_id res chain seq x y z
N MET A 7 18.91 5.35 16.12
CA MET A 7 18.15 4.22 16.73
C MET A 7 16.75 4.12 16.11
N LEU A 8 16.34 2.90 15.78
CA LEU A 8 15.04 2.67 15.18
C LEU A 8 14.04 2.09 16.19
N THR A 9 12.92 2.77 16.37
CA THR A 9 11.87 2.30 17.26
C THR A 9 10.65 1.85 16.47
N ILE A 10 10.02 0.76 16.91
CA ILE A 10 8.76 0.33 16.34
C ILE A 10 7.72 0.30 17.44
N LEU A 11 6.67 1.09 17.26
CA LEU A 11 5.61 1.18 18.24
C LEU A 11 4.39 0.48 17.68
N LYS A 12 3.93 -0.55 18.39
CA LYS A 12 2.71 -1.24 17.97
C LYS A 12 1.53 -0.69 18.74
N LEU A 13 0.57 -0.12 18.02
CA LEU A 13 -0.66 0.33 18.64
C LEU A 13 -1.65 -0.82 18.61
N GLY A 14 -1.70 -1.58 19.70
CA GLY A 14 -2.46 -2.82 19.72
C GLY A 14 -3.60 -2.86 20.72
N GLY A 15 -3.76 -4.00 21.37
CA GLY A 15 -4.94 -4.25 22.18
C GLY A 15 -6.14 -3.78 21.38
N SER A 16 -7.03 -3.06 22.03
CA SER A 16 -8.13 -2.42 21.33
C SER A 16 -8.12 -0.92 21.63
N ILE A 17 -6.93 -0.39 21.89
CA ILE A 17 -6.78 1.00 22.30
C ILE A 17 -7.26 2.02 21.26
N LEU A 18 -7.20 1.66 19.99
CA LEU A 18 -7.64 2.55 18.91
C LEU A 18 -9.08 2.31 18.48
N SER A 19 -9.60 1.12 18.76
CA SER A 19 -10.90 0.73 18.21
C SER A 19 -11.53 -0.43 18.95
N ASP A 20 -12.82 -0.33 19.20
CA ASP A 20 -13.56 -1.38 19.89
C ASP A 20 -14.12 -2.37 18.89
N LYS A 21 -13.49 -3.54 18.79
CA LYS A 21 -13.82 -4.51 17.75
C LYS A 21 -15.25 -5.05 17.86
N ASN A 22 -15.90 -4.81 19.00
CA ASN A 22 -17.27 -5.26 19.20
C ASN A 22 -18.28 -4.19 18.76
N VAL A 23 -17.78 -3.05 18.32
CA VAL A 23 -18.62 -2.03 17.73
C VAL A 23 -18.19 -1.78 16.29
N PRO A 24 -18.95 -2.32 15.33
CA PRO A 24 -18.60 -2.19 13.92
C PRO A 24 -18.01 -0.81 13.62
N TYR A 25 -16.81 -0.78 13.08
CA TYR A 25 -16.16 0.47 12.68
C TYR A 25 -16.02 1.47 13.83
N SER A 26 -15.80 0.93 15.03
CA SER A 26 -15.54 1.75 16.21
C SER A 26 -14.23 2.52 16.07
N ILE A 27 -14.21 3.74 16.59
CA ILE A 27 -13.01 4.53 16.68
C ILE A 27 -12.93 5.16 18.05
N LYS A 28 -11.89 4.85 18.81
CA LYS A 28 -11.67 5.50 20.08
C LYS A 28 -10.96 6.83 19.83
N TRP A 29 -11.70 7.80 19.31
CA TRP A 29 -11.15 9.07 18.90
C TRP A 29 -10.28 9.71 19.97
N ASP A 30 -10.83 9.82 21.17
CA ASP A 30 -10.14 10.52 22.22
C ASP A 30 -8.78 9.88 22.49
N ASN A 31 -8.78 8.55 22.61
CA ASN A 31 -7.55 7.81 22.83
C ASN A 31 -6.55 8.03 21.69
N LEU A 32 -7.04 7.94 20.46
CA LEU A 32 -6.19 8.10 19.28
C LEU A 32 -5.59 9.49 19.22
N GLU A 33 -6.36 10.49 19.61
CA GLU A 33 -5.87 11.86 19.62
C GLU A 33 -4.81 12.07 20.69
N ARG A 34 -5.03 11.50 21.87
CA ARG A 34 -4.02 11.58 22.92
C ARG A 34 -2.73 10.89 22.51
N ILE A 35 -2.88 9.73 21.87
CA ILE A 35 -1.72 8.97 21.42
C ILE A 35 -0.90 9.78 20.42
N ALA A 36 -1.58 10.43 19.47
CA ALA A 36 -0.87 11.29 18.54
C ALA A 36 -0.12 12.39 19.30
N MET A 37 -0.77 13.02 20.28
CA MET A 37 -0.08 14.04 21.07
C MET A 37 1.24 13.49 21.58
N GLU A 38 1.14 12.41 22.35
CA GLU A 38 2.30 11.81 23.01
C GLU A 38 3.42 11.47 22.01
N ILE A 39 3.07 10.85 20.90
CA ILE A 39 4.06 10.61 19.86
C ILE A 39 4.67 11.93 19.42
N LYS A 40 3.87 12.98 19.42
CA LYS A 40 4.33 14.30 19.06
C LYS A 40 5.27 14.82 20.14
N ASN A 41 4.81 14.81 21.39
CA ASN A 41 5.64 15.24 22.51
C ASN A 41 7.00 14.59 22.45
N ALA A 42 7.01 13.30 22.14
CA ALA A 42 8.23 12.52 22.09
C ALA A 42 9.14 12.96 20.94
N LEU A 43 8.57 13.11 19.75
CA LEU A 43 9.39 13.52 18.62
C LEU A 43 10.00 14.90 18.89
N ASP A 44 9.19 15.81 19.40
CA ASP A 44 9.66 17.15 19.72
C ASP A 44 10.76 17.08 20.77
N TYR A 45 10.63 16.12 21.69
CA TYR A 45 11.63 15.90 22.71
C TYR A 45 12.96 15.48 22.09
N TYR A 46 12.93 14.43 21.26
CA TYR A 46 14.14 13.88 20.66
C TYR A 46 14.87 14.90 19.79
N LYS A 47 14.14 15.90 19.32
CA LYS A 47 14.76 16.96 18.54
C LYS A 47 15.51 17.90 19.47
N ASN A 48 14.86 18.27 20.57
CA ASN A 48 15.44 19.18 21.55
C ASN A 48 16.69 18.61 22.22
N GLN A 49 16.72 17.29 22.37
CA GLN A 49 17.87 16.61 22.95
C GLN A 49 18.84 16.23 21.83
N ASN A 50 18.63 16.80 20.65
CA ASN A 50 19.46 16.46 19.51
C ASN A 50 19.85 14.98 19.53
N LYS A 51 18.85 14.11 19.44
CA LYS A 51 19.09 12.67 19.30
C LYS A 51 18.26 12.10 18.15
N GLU A 52 18.90 11.33 17.27
CA GLU A 52 18.25 10.83 16.06
C GLU A 52 17.31 9.67 16.36
N ILE A 53 16.04 9.81 15.99
CA ILE A 53 15.07 8.73 16.17
C ILE A 53 14.28 8.42 14.89
N LYS A 54 14.42 7.19 14.41
CA LYS A 54 13.54 6.70 13.34
C LYS A 54 12.39 5.94 13.99
N LEU A 55 11.17 6.21 13.53
CA LEU A 55 9.99 5.64 14.15
C LEU A 55 9.08 4.97 13.15
N ILE A 56 8.66 3.75 13.46
CA ILE A 56 7.63 3.07 12.69
C ILE A 56 6.44 2.74 13.59
N LEU A 57 5.24 3.03 13.12
CA LEU A 57 4.04 2.64 13.84
C LEU A 57 3.35 1.51 13.11
N VAL A 58 2.75 0.60 13.87
CA VAL A 58 1.99 -0.49 13.30
C VAL A 58 0.67 -0.57 14.05
N HIS A 59 -0.42 -0.73 13.30
CA HIS A 59 -1.72 -0.98 13.91
C HIS A 59 -2.46 -2.15 13.27
N GLY A 60 -3.41 -2.71 14.02
CA GLY A 60 -4.17 -3.86 13.56
C GLY A 60 -5.45 -3.42 12.88
N GLY A 61 -6.42 -4.33 12.81
CA GLY A 61 -7.64 -4.08 12.06
C GLY A 61 -8.73 -3.45 12.89
N GLY A 62 -8.65 -3.63 14.20
CA GLY A 62 -9.68 -3.12 15.09
C GLY A 62 -11.05 -3.51 14.59
N ALA A 63 -11.98 -2.56 14.60
CA ALA A 63 -13.34 -2.83 14.16
C ALA A 63 -13.48 -2.71 12.65
N PHE A 64 -12.35 -2.70 11.94
CA PHE A 64 -12.41 -2.56 10.50
C PHE A 64 -12.03 -3.84 9.79
N GLY A 65 -10.92 -4.45 10.20
CA GLY A 65 -10.47 -5.68 9.57
C GLY A 65 -11.33 -6.91 9.81
N HIS A 66 -11.28 -7.46 11.01
CA HIS A 66 -11.89 -8.75 11.28
C HIS A 66 -13.39 -8.81 10.96
N PRO A 67 -14.14 -7.77 11.32
CA PRO A 67 -15.59 -7.77 11.05
C PRO A 67 -15.85 -8.00 9.58
N VAL A 68 -15.10 -7.32 8.73
CA VAL A 68 -15.29 -7.43 7.30
C VAL A 68 -14.76 -8.77 6.80
N ALA A 69 -13.62 -9.18 7.33
CA ALA A 69 -12.98 -10.42 6.91
C ALA A 69 -13.82 -11.64 7.28
N LYS A 70 -14.44 -11.60 8.46
CA LYS A 70 -15.27 -12.70 8.92
C LYS A 70 -16.23 -13.19 7.82
N LYS A 71 -16.90 -12.26 7.16
CA LYS A 71 -17.84 -12.60 6.08
C LYS A 71 -17.22 -13.49 5.01
N TYR A 72 -15.90 -13.44 4.86
CA TYR A 72 -15.24 -14.18 3.79
C TYR A 72 -14.39 -15.34 4.31
N LEU A 73 -14.68 -15.77 5.54
CA LEU A 73 -13.95 -16.88 6.14
C LEU A 73 -14.86 -18.03 6.50
N LYS A 74 -14.40 -19.24 6.23
CA LYS A 74 -15.17 -20.44 6.55
C LYS A 74 -14.24 -21.50 7.13
N ILE A 75 -14.82 -22.41 7.91
CA ILE A 75 -14.09 -23.57 8.40
C ILE A 75 -14.39 -24.75 7.49
N GLU A 76 -13.40 -25.17 6.71
CA GLU A 76 -13.56 -26.33 5.85
C GLU A 76 -12.54 -27.42 6.20
N ASP A 77 -13.04 -28.60 6.51
CA ASP A 77 -12.16 -29.71 6.89
C ASP A 77 -11.29 -29.29 8.06
N GLY A 78 -11.87 -28.53 8.97
CA GLY A 78 -11.19 -28.12 10.20
C GLY A 78 -10.31 -26.88 10.09
N LYS A 79 -9.92 -26.52 8.87
CA LYS A 79 -9.03 -25.37 8.66
C LYS A 79 -9.78 -24.10 8.29
N LYS A 80 -9.05 -22.99 8.29
CA LYS A 80 -9.57 -21.70 7.83
C LYS A 80 -9.40 -21.66 6.33
N ILE A 81 -10.35 -21.02 5.66
CA ILE A 81 -10.20 -20.74 4.22
C ILE A 81 -10.99 -19.52 3.77
N PHE A 82 -10.37 -18.73 2.90
CA PHE A 82 -11.01 -17.52 2.39
C PHE A 82 -11.82 -17.82 1.14
N ILE A 83 -13.05 -17.33 1.12
CA ILE A 83 -13.92 -17.53 -0.04
C ILE A 83 -14.41 -16.21 -0.66
N ASN A 84 -14.90 -16.30 -1.89
CA ASN A 84 -15.48 -15.14 -2.56
C ASN A 84 -14.57 -13.92 -2.49
N MET A 85 -13.27 -14.16 -2.68
CA MET A 85 -12.28 -13.12 -2.52
C MET A 85 -12.25 -12.20 -3.74
N GLU A 86 -13.09 -12.49 -4.72
CA GLU A 86 -13.25 -11.58 -5.85
C GLU A 86 -13.98 -10.32 -5.36
N LYS A 87 -14.69 -10.46 -4.24
CA LYS A 87 -15.25 -9.32 -3.54
C LYS A 87 -14.44 -9.07 -2.29
N GLY A 88 -14.07 -10.15 -1.62
CA GLY A 88 -13.47 -10.09 -0.30
C GLY A 88 -12.17 -9.34 -0.18
N PHE A 89 -11.26 -9.52 -1.13
CA PHE A 89 -9.96 -8.87 -1.09
C PHE A 89 -10.06 -7.35 -1.06
N TRP A 90 -10.86 -6.79 -1.98
CA TRP A 90 -11.05 -5.35 -1.99
C TRP A 90 -11.78 -4.89 -0.75
N GLU A 91 -12.83 -5.64 -0.37
CA GLU A 91 -13.64 -5.27 0.79
C GLU A 91 -12.80 -5.09 2.05
N ILE A 92 -11.85 -5.99 2.25
CA ILE A 92 -10.96 -5.92 3.39
C ILE A 92 -9.93 -4.81 3.19
N GLN A 93 -9.40 -4.70 1.97
CA GLN A 93 -8.52 -3.59 1.65
C GLN A 93 -9.23 -2.26 1.96
N ARG A 94 -10.47 -2.15 1.50
CA ARG A 94 -11.23 -0.92 1.65
C ARG A 94 -11.35 -0.53 3.13
N ALA A 95 -11.77 -1.48 3.96
CA ALA A 95 -11.93 -1.21 5.39
C ALA A 95 -10.61 -0.85 6.07
N MET A 96 -9.52 -1.54 5.70
CA MET A 96 -8.21 -1.20 6.28
C MET A 96 -7.70 0.17 5.78
N ARG A 97 -7.97 0.50 4.52
CA ARG A 97 -7.59 1.82 3.99
C ARG A 97 -8.27 2.98 4.75
N ARG A 98 -9.55 2.80 5.06
CA ARG A 98 -10.30 3.76 5.85
C ARG A 98 -9.66 3.94 7.21
N PHE A 99 -9.42 2.83 7.91
CA PHE A 99 -8.83 2.90 9.23
C PHE A 99 -7.46 3.59 9.19
N ASN A 100 -6.65 3.23 8.21
CA ASN A 100 -5.34 3.85 8.01
C ASN A 100 -5.46 5.35 7.80
N ASN A 101 -6.39 5.74 6.92
CA ASN A 101 -6.66 7.15 6.65
C ASN A 101 -6.94 7.94 7.92
N ILE A 102 -7.85 7.43 8.73
CA ILE A 102 -8.24 8.08 9.97
C ILE A 102 -7.06 8.22 10.92
N ILE A 103 -6.25 7.18 10.99
CA ILE A 103 -5.10 7.20 11.89
C ILE A 103 -4.04 8.19 11.41
N ILE A 104 -3.71 8.12 10.13
CA ILE A 104 -2.68 8.99 9.57
C ILE A 104 -3.12 10.44 9.56
N ASP A 105 -4.36 10.70 9.14
CA ASP A 105 -4.92 12.04 9.22
C ASP A 105 -4.73 12.61 10.62
N THR A 106 -5.12 11.83 11.64
CA THR A 106 -4.99 12.32 13.01
C THR A 106 -3.53 12.58 13.37
N LEU A 107 -2.64 11.66 13.02
CA LEU A 107 -1.23 11.85 13.27
C LEU A 107 -0.75 13.14 12.62
N GLN A 108 -1.15 13.35 11.37
CA GLN A 108 -0.74 14.55 10.65
C GLN A 108 -1.30 15.82 11.31
N SER A 109 -2.51 15.72 11.83
CA SER A 109 -3.13 16.88 12.49
C SER A 109 -2.28 17.35 13.67
N TYR A 110 -1.33 16.52 14.10
CA TYR A 110 -0.35 16.93 15.11
C TYR A 110 1.06 17.04 14.51
N ASP A 111 1.12 17.23 13.20
CA ASP A 111 2.41 17.40 12.51
C ASP A 111 3.35 16.23 12.64
N ILE A 112 2.80 15.04 12.82
CA ILE A 112 3.60 13.84 12.74
C ILE A 112 3.67 13.47 11.27
N PRO A 113 4.87 13.43 10.70
CA PRO A 113 5.05 13.20 9.27
C PRO A 113 4.70 11.75 8.87
N ALA A 114 3.47 11.34 9.13
CA ALA A 114 3.08 9.95 8.88
C ALA A 114 2.79 9.69 7.40
N VAL A 115 3.10 8.48 6.95
CA VAL A 115 2.79 8.04 5.60
C VAL A 115 2.25 6.62 5.64
N SER A 116 1.57 6.21 4.58
CA SER A 116 0.88 4.91 4.56
C SER A 116 1.66 3.79 3.91
N ILE A 117 1.73 2.65 4.59
CA ILE A 117 2.30 1.43 4.02
C ILE A 117 1.23 0.35 3.93
N GLN A 118 0.89 -0.02 2.70
CA GLN A 118 -0.22 -0.95 2.44
C GLN A 118 0.29 -2.30 1.99
N PRO A 119 0.43 -3.24 2.93
CA PRO A 119 0.97 -4.57 2.66
C PRO A 119 0.24 -5.29 1.53
N SER A 120 -1.09 -5.20 1.53
CA SER A 120 -1.89 -5.92 0.54
C SER A 120 -1.38 -5.72 -0.89
N SER A 121 -0.82 -4.54 -1.16
CA SER A 121 -0.37 -4.22 -2.52
C SER A 121 0.90 -4.94 -2.98
N PHE A 122 1.68 -5.49 -2.05
CA PHE A 122 3.01 -5.99 -2.45
C PHE A 122 3.57 -7.12 -1.60
N VAL A 123 2.84 -7.51 -0.55
CA VAL A 123 3.33 -8.53 0.36
C VAL A 123 2.73 -9.89 0.05
N VAL A 124 3.59 -10.90 -0.01
CA VAL A 124 3.17 -12.25 -0.27
C VAL A 124 3.44 -13.08 0.98
N PHE A 125 2.41 -13.69 1.53
CA PHE A 125 2.56 -14.49 2.73
C PHE A 125 2.99 -15.91 2.42
N GLY A 126 4.30 -16.16 2.46
CA GLY A 126 4.82 -17.51 2.31
C GLY A 126 5.21 -18.03 3.67
N ASP A 127 6.03 -19.07 3.69
CA ASP A 127 6.60 -19.55 4.95
C ASP A 127 7.65 -18.53 5.42
N LYS A 128 8.20 -17.81 4.45
CA LYS A 128 8.90 -16.56 4.73
C LYS A 128 8.12 -15.45 4.02
N LEU A 129 7.94 -14.33 4.70
CA LEU A 129 7.30 -13.18 4.07
C LEU A 129 8.08 -12.69 2.84
N ILE A 130 7.39 -12.39 1.75
CA ILE A 130 7.97 -11.57 0.70
C ILE A 130 7.45 -10.15 0.93
N PHE A 131 8.35 -9.29 1.41
CA PHE A 131 7.98 -8.00 1.94
C PHE A 131 9.13 -7.04 1.72
N ASP A 132 9.17 -6.41 0.56
CA ASP A 132 10.27 -5.53 0.23
C ASP A 132 10.20 -4.24 1.03
N THR A 133 11.20 -4.03 1.89
CA THR A 133 11.23 -2.87 2.78
C THR A 133 12.06 -1.71 2.25
N SER A 134 12.42 -1.74 0.98
CA SER A 134 13.25 -0.68 0.41
C SER A 134 12.65 0.70 0.65
N ALA A 135 11.40 0.88 0.26
CA ALA A 135 10.73 2.17 0.33
C ALA A 135 10.70 2.70 1.76
N ILE A 136 10.42 1.80 2.70
CA ILE A 136 10.38 2.15 4.11
C ILE A 136 11.72 2.72 4.55
N LYS A 137 12.81 2.09 4.10
CA LYS A 137 14.15 2.54 4.43
C LYS A 137 14.37 3.99 4.00
N GLU A 138 13.98 4.30 2.77
CA GLU A 138 14.14 5.63 2.22
C GLU A 138 13.25 6.64 2.95
N MET A 139 12.13 6.16 3.47
CA MET A 139 11.21 7.04 4.17
C MET A 139 11.79 7.42 5.53
N LEU A 140 12.34 6.42 6.22
CA LEU A 140 12.97 6.66 7.51
C LEU A 140 14.15 7.60 7.30
N LYS A 141 14.92 7.33 6.26
CA LYS A 141 16.07 8.15 5.92
C LYS A 141 15.69 9.64 5.83
N ARG A 142 14.49 9.92 5.32
CA ARG A 142 14.01 11.30 5.20
C ARG A 142 13.12 11.69 6.38
N ASN A 143 13.15 10.88 7.42
CA ASN A 143 12.50 11.25 8.67
C ASN A 143 10.98 11.25 8.58
N LEU A 144 10.44 10.49 7.63
CA LEU A 144 9.01 10.26 7.59
C LEU A 144 8.64 9.19 8.60
N VAL A 145 7.36 9.13 8.95
CA VAL A 145 6.89 8.11 9.88
C VAL A 145 5.99 7.12 9.16
N PRO A 146 6.57 6.00 8.71
CA PRO A 146 5.81 4.98 8.00
C PRO A 146 4.77 4.35 8.92
N VAL A 147 3.52 4.32 8.48
CA VAL A 147 2.46 3.67 9.23
C VAL A 147 1.97 2.42 8.50
N ILE A 148 2.34 1.25 9.05
CA ILE A 148 1.99 -0.04 8.47
C ILE A 148 0.80 -0.62 9.21
N HIS A 149 -0.03 -1.38 8.50
CA HIS A 149 -1.23 -1.94 9.12
C HIS A 149 -1.47 -3.40 8.78
N GLY A 150 -2.06 -4.14 9.71
CA GLY A 150 -2.54 -5.47 9.41
C GLY A 150 -3.41 -5.39 8.18
N ASP A 151 -3.32 -6.42 7.33
CA ASP A 151 -3.99 -6.38 6.04
C ASP A 151 -4.28 -7.78 5.50
N ILE A 152 -5.10 -7.83 4.45
CA ILE A 152 -5.27 -9.04 3.68
C ILE A 152 -4.11 -9.16 2.70
N VAL A 153 -3.65 -10.38 2.45
CA VAL A 153 -2.57 -10.59 1.49
C VAL A 153 -2.69 -11.96 0.80
N ILE A 154 -2.17 -12.06 -0.40
CA ILE A 154 -2.14 -13.35 -1.07
C ILE A 154 -0.98 -14.17 -0.52
N ASP A 155 -1.12 -15.49 -0.56
CA ASP A 155 -0.04 -16.36 -0.16
C ASP A 155 0.57 -16.95 -1.42
N ASP A 156 1.47 -17.90 -1.26
CA ASP A 156 2.08 -18.57 -2.40
C ASP A 156 1.55 -19.99 -2.49
N LYS A 157 0.31 -20.18 -2.05
CA LYS A 157 -0.33 -21.49 -2.08
C LYS A 157 -1.81 -21.37 -2.43
N ASN A 158 -2.10 -20.66 -3.52
CA ASN A 158 -3.46 -20.55 -4.04
C ASN A 158 -4.45 -19.93 -3.05
N GLY A 159 -3.95 -19.28 -2.01
CA GLY A 159 -4.85 -18.78 -0.98
C GLY A 159 -4.63 -17.36 -0.53
N TYR A 160 -5.17 -17.05 0.64
CA TYR A 160 -5.08 -15.72 1.22
C TYR A 160 -4.79 -15.88 2.68
N ARG A 161 -4.27 -14.81 3.28
CA ARG A 161 -3.96 -14.83 4.69
C ARG A 161 -4.04 -13.42 5.26
N ILE A 162 -4.50 -13.31 6.51
CA ILE A 162 -4.44 -12.05 7.22
C ILE A 162 -3.08 -11.89 7.84
N ILE A 163 -2.36 -10.85 7.42
CA ILE A 163 -1.11 -10.51 8.06
C ILE A 163 -1.39 -9.52 9.19
N SER A 164 -0.95 -9.84 10.39
CA SER A 164 -1.25 -9.00 11.55
C SER A 164 -0.06 -8.12 11.92
N GLY A 165 -0.28 -7.26 12.89
CA GLY A 165 0.81 -6.49 13.48
C GLY A 165 1.83 -7.45 14.03
N ASP A 166 1.35 -8.57 14.56
CA ASP A 166 2.19 -9.61 15.14
C ASP A 166 3.14 -10.23 14.13
N ASP A 167 2.73 -10.32 12.88
CA ASP A 167 3.62 -10.81 11.82
C ASP A 167 4.55 -9.68 11.36
N ILE A 168 4.02 -8.47 11.31
CA ILE A 168 4.72 -7.33 10.73
C ILE A 168 5.87 -6.82 11.61
N VAL A 169 5.62 -6.71 12.90
CA VAL A 169 6.60 -6.15 13.82
C VAL A 169 7.89 -6.97 13.84
N PRO A 170 7.80 -8.24 14.25
CA PRO A 170 8.95 -9.12 14.22
C PRO A 170 9.69 -9.03 12.90
N TYR A 171 8.94 -9.13 11.80
CA TYR A 171 9.59 -9.12 10.50
C TYR A 171 10.40 -7.84 10.26
N LEU A 172 9.83 -6.70 10.60
CA LEU A 172 10.54 -5.43 10.42
C LEU A 172 11.73 -5.27 11.39
N ALA A 173 11.53 -5.69 12.63
CA ALA A 173 12.58 -5.61 13.65
C ALA A 173 13.83 -6.32 13.15
N ASN A 174 13.63 -7.47 12.52
CA ASN A 174 14.73 -8.20 11.93
C ASN A 174 15.29 -7.47 10.72
N GLU A 175 14.42 -7.24 9.74
CA GLU A 175 14.84 -6.64 8.48
C GLU A 175 15.52 -5.27 8.64
N LEU A 176 15.01 -4.45 9.54
CA LEU A 176 15.53 -3.10 9.69
C LEU A 176 16.44 -2.98 10.90
N LYS A 177 16.55 -4.06 11.66
CA LYS A 177 17.39 -4.07 12.84
C LYS A 177 16.98 -2.95 13.79
N ALA A 178 15.83 -3.13 14.44
CA ALA A 178 15.33 -2.12 15.36
C ALA A 178 15.96 -2.29 16.73
N ASP A 179 16.11 -1.18 17.45
CA ASP A 179 16.69 -1.21 18.77
C ASP A 179 15.60 -1.30 19.84
N LEU A 180 14.43 -0.74 19.53
CA LEU A 180 13.36 -0.70 20.51
C LEU A 180 12.01 -1.10 19.91
N ILE A 181 11.36 -2.07 20.54
CA ILE A 181 10.02 -2.50 20.15
C ILE A 181 9.07 -2.12 21.26
N LEU A 182 7.98 -1.45 20.91
CA LEU A 182 7.03 -1.03 21.92
C LEU A 182 5.65 -1.62 21.70
N TYR A 183 5.21 -2.45 22.64
CA TYR A 183 3.88 -3.01 22.59
C TYR A 183 2.92 -2.23 23.48
N ALA A 184 2.16 -1.33 22.88
CA ALA A 184 1.08 -0.67 23.60
C ALA A 184 -0.10 -1.62 23.61
N THR A 185 -0.58 -1.98 24.81
CA THR A 185 -1.62 -2.99 24.93
C THR A 185 -2.73 -2.54 25.87
N ASP A 186 -3.67 -3.44 26.14
CA ASP A 186 -4.79 -3.18 27.05
C ASP A 186 -4.44 -3.44 28.51
N VAL A 187 -3.21 -3.87 28.77
CA VAL A 187 -2.83 -4.24 30.13
C VAL A 187 -1.49 -3.63 30.53
N ASP A 188 -1.18 -3.71 31.82
CA ASP A 188 -0.02 -3.00 32.37
C ASP A 188 1.32 -3.65 32.06
N GLY A 189 1.29 -4.82 31.42
CA GLY A 189 2.51 -5.51 31.03
C GLY A 189 2.26 -7.00 31.06
N VAL A 190 3.33 -7.78 31.08
CA VAL A 190 3.22 -9.23 31.28
C VAL A 190 2.79 -9.50 32.71
N LEU A 191 1.52 -9.82 32.89
CA LEU A 191 0.97 -10.00 34.23
C LEU A 191 1.37 -11.34 34.84
N ILE A 192 2.21 -11.28 35.86
CA ILE A 192 2.58 -12.45 36.63
C ILE A 192 1.98 -12.35 38.01
N ASP A 193 0.72 -12.74 38.15
CA ASP A 193 0.07 -12.65 39.43
C ASP A 193 -0.63 -11.29 39.53
N ASN A 194 -1.40 -10.96 38.50
CA ASN A 194 -2.06 -9.66 38.39
C ASN A 194 -1.10 -8.49 38.65
N LYS A 195 0.18 -8.71 38.36
CA LYS A 195 1.18 -7.67 38.53
C LYS A 195 2.24 -7.84 37.46
N PRO A 196 2.60 -6.76 36.77
CA PRO A 196 3.57 -6.83 35.68
C PRO A 196 4.99 -7.05 36.20
N ILE A 197 5.70 -8.00 35.59
CA ILE A 197 7.08 -8.25 35.97
C ILE A 197 7.99 -7.14 35.41
N LYS A 198 8.77 -6.52 36.28
CA LYS A 198 9.59 -5.39 35.88
C LYS A 198 10.47 -5.74 34.71
N ARG A 199 11.31 -6.75 34.89
CA ARG A 199 12.29 -7.11 33.88
C ARG A 199 12.14 -8.57 33.44
N ILE A 200 12.44 -8.82 32.16
CA ILE A 200 12.52 -10.17 31.64
C ILE A 200 13.73 -10.26 30.73
N ASP A 201 14.73 -11.02 31.17
CA ASP A 201 16.00 -11.15 30.44
C ASP A 201 16.47 -12.60 30.41
N LYS A 202 17.66 -12.82 29.87
CA LYS A 202 18.18 -14.18 29.69
C LYS A 202 18.44 -14.93 31.00
N ASN A 203 17.91 -14.44 32.11
CA ASN A 203 18.06 -15.13 33.38
C ASN A 203 16.72 -15.49 34.00
N ASN A 204 15.65 -15.25 33.26
CA ASN A 204 14.31 -15.60 33.75
C ASN A 204 13.30 -15.82 32.63
N ILE A 205 13.75 -15.76 31.39
CA ILE A 205 12.80 -15.89 30.29
C ILE A 205 12.04 -17.21 30.37
N TYR A 206 12.74 -18.33 30.19
CA TYR A 206 12.12 -19.64 30.32
C TYR A 206 11.25 -19.74 31.57
N LYS A 207 11.75 -19.22 32.69
CA LYS A 207 10.96 -19.23 33.91
C LYS A 207 9.64 -18.50 33.72
N ILE A 208 9.65 -17.46 32.89
CA ILE A 208 8.44 -16.68 32.64
C ILE A 208 7.56 -17.35 31.58
N LEU A 209 8.17 -17.74 30.47
CA LEU A 209 7.44 -18.50 29.46
C LEU A 209 6.70 -19.68 30.08
N ASN A 210 7.37 -20.42 30.96
CA ASN A 210 6.72 -21.57 31.60
C ASN A 210 5.54 -21.17 32.48
N TYR A 211 5.65 -20.02 33.13
CA TYR A 211 4.53 -19.52 33.94
C TYR A 211 3.39 -19.12 33.02
N LEU A 212 3.73 -18.52 31.89
CA LEU A 212 2.71 -18.05 30.96
C LEU A 212 1.92 -19.21 30.37
N SER A 213 2.54 -20.39 30.33
CA SER A 213 1.87 -21.60 29.83
C SER A 213 1.03 -22.26 30.93
N GLY A 214 1.23 -21.84 32.18
CA GLY A 214 0.57 -22.45 33.32
C GLY A 214 -0.91 -22.14 33.43
N SER A 215 -1.53 -22.54 34.54
CA SER A 215 -2.96 -22.31 34.75
C SER A 215 -3.23 -21.15 35.71
N ASN A 216 -2.18 -20.51 36.19
CA ASN A 216 -2.33 -19.34 37.05
C ASN A 216 -2.08 -18.03 36.30
N SER A 217 -1.56 -18.15 35.09
CA SER A 217 -1.28 -16.99 34.24
C SER A 217 -2.58 -16.32 33.77
N ILE A 218 -2.57 -14.99 33.74
CA ILE A 218 -3.74 -14.22 33.31
C ILE A 218 -3.91 -14.20 31.79
N ASP A 219 -2.87 -14.52 31.05
CA ASP A 219 -2.95 -14.57 29.59
C ASP A 219 -2.75 -15.98 29.04
N VAL A 220 -3.83 -16.62 28.62
CA VAL A 220 -3.72 -17.95 28.03
C VAL A 220 -3.68 -17.86 26.52
N THR A 221 -3.90 -16.66 25.99
CA THR A 221 -3.94 -16.44 24.56
C THR A 221 -2.61 -16.81 23.91
N GLY A 222 -1.56 -16.89 24.72
CA GLY A 222 -0.22 -17.11 24.21
C GLY A 222 0.34 -15.87 23.51
N GLY A 223 -0.27 -14.72 23.80
CA GLY A 223 0.14 -13.47 23.18
C GLY A 223 1.46 -12.92 23.72
N MET A 224 1.58 -12.85 25.04
CA MET A 224 2.80 -12.35 25.65
C MET A 224 3.99 -13.22 25.26
N LYS A 225 3.85 -14.52 25.46
CA LYS A 225 4.90 -15.49 25.14
C LYS A 225 5.53 -15.15 23.80
N TYR A 226 4.68 -14.94 22.80
CA TYR A 226 5.14 -14.68 21.45
C TYR A 226 5.96 -13.40 21.35
N LYS A 227 5.52 -12.35 22.01
CA LYS A 227 6.21 -11.05 21.97
C LYS A 227 7.57 -11.16 22.61
N ILE A 228 7.59 -11.70 23.82
CA ILE A 228 8.83 -11.96 24.54
C ILE A 228 9.84 -12.68 23.64
N GLU A 229 9.38 -13.73 22.97
CA GLU A 229 10.27 -14.58 22.18
C GLU A 229 10.88 -13.84 20.99
N MET A 230 10.08 -12.97 20.37
CA MET A 230 10.54 -12.23 19.21
C MET A 230 11.62 -11.22 19.59
N ILE A 231 11.48 -10.64 20.77
CA ILE A 231 12.49 -9.70 21.24
C ILE A 231 13.83 -10.41 21.40
N ARG A 232 13.82 -11.55 22.09
CA ARG A 232 15.04 -12.34 22.22
C ARG A 232 15.54 -12.77 20.86
N LYS A 233 14.62 -13.15 19.98
CA LYS A 233 15.00 -13.63 18.65
C LYS A 233 15.73 -12.55 17.88
N ASN A 234 15.45 -11.29 18.22
CA ASN A 234 16.07 -10.17 17.52
C ASN A 234 17.21 -9.51 18.30
N LYS A 235 17.50 -10.06 19.47
CA LYS A 235 18.60 -9.55 20.29
C LYS A 235 18.46 -8.05 20.52
N CYS A 236 17.25 -7.61 20.89
CA CYS A 236 17.00 -6.21 21.14
C CYS A 236 16.24 -6.01 22.42
N ARG A 237 15.55 -4.88 22.51
CA ARG A 237 14.85 -4.49 23.73
C ARG A 237 13.41 -4.10 23.39
N GLY A 238 12.52 -4.28 24.35
CA GLY A 238 11.12 -3.99 24.11
C GLY A 238 10.37 -3.76 25.39
N PHE A 239 9.23 -3.06 25.28
CA PHE A 239 8.39 -2.81 26.43
C PHE A 239 6.95 -3.24 26.14
N VAL A 240 6.30 -3.81 27.15
CA VAL A 240 4.91 -4.18 27.04
C VAL A 240 4.19 -3.38 28.11
N PHE A 241 3.33 -2.47 27.69
CA PHE A 241 2.75 -1.51 28.62
C PHE A 241 1.31 -1.20 28.29
N ASN A 242 0.67 -0.41 29.14
CA ASN A 242 -0.72 -0.04 28.93
C ASN A 242 -0.84 1.24 28.11
N GLY A 243 -1.26 1.09 26.86
CA GLY A 243 -1.37 2.21 25.94
C GLY A 243 -2.61 3.03 26.19
N ASN A 244 -3.36 2.67 27.23
CA ASN A 244 -4.53 3.44 27.62
C ASN A 244 -4.23 4.47 28.72
N LYS A 245 -3.03 4.40 29.29
CA LYS A 245 -2.67 5.30 30.37
C LYS A 245 -1.92 6.54 29.87
N ALA A 246 -2.36 7.70 30.31
CA ALA A 246 -1.77 8.97 29.85
C ALA A 246 -0.26 9.06 30.08
N ASN A 247 0.48 9.31 29.01
CA ASN A 247 1.93 9.50 29.10
C ASN A 247 2.75 8.22 28.97
N ASN A 248 2.09 7.07 29.08
CA ASN A 248 2.81 5.81 28.96
C ASN A 248 3.50 5.70 27.61
N ILE A 249 2.81 6.17 26.57
CA ILE A 249 3.32 6.05 25.22
C ILE A 249 4.45 7.04 24.98
N TYR A 250 4.31 8.22 25.56
CA TYR A 250 5.38 9.21 25.51
C TYR A 250 6.60 8.70 26.27
N LYS A 251 6.39 8.26 27.50
CA LYS A 251 7.48 7.70 28.30
C LYS A 251 8.14 6.52 27.61
N ALA A 252 7.32 5.56 27.18
CA ALA A 252 7.81 4.38 26.47
C ALA A 252 8.67 4.79 25.29
N LEU A 253 8.22 5.79 24.54
CA LEU A 253 8.97 6.26 23.40
C LEU A 253 10.32 6.80 23.84
N LEU A 254 10.41 7.24 25.10
CA LEU A 254 11.68 7.73 25.62
C LEU A 254 12.48 6.61 26.27
N GLY A 255 11.80 5.50 26.54
CA GLY A 255 12.47 4.33 27.10
C GLY A 255 12.34 4.24 28.61
N GLU A 256 11.29 4.85 29.15
CA GLU A 256 11.14 4.93 30.60
C GLU A 256 9.74 4.55 31.09
N VAL A 257 8.86 4.16 30.18
CA VAL A 257 7.54 3.71 30.58
C VAL A 257 7.70 2.64 31.65
N GLU A 258 6.71 2.51 32.52
CA GLU A 258 6.77 1.51 33.58
C GLU A 258 5.75 0.42 33.38
N GLY A 259 6.13 -0.59 32.59
CA GLY A 259 5.33 -1.79 32.41
C GLY A 259 6.23 -3.00 32.60
N THR A 260 6.55 -3.67 31.51
CA THR A 260 7.50 -4.76 31.57
C THR A 260 8.58 -4.58 30.53
N GLU A 261 9.82 -4.63 30.98
CA GLU A 261 10.94 -4.53 30.06
C GLU A 261 11.40 -5.92 29.64
N ILE A 262 11.80 -6.05 28.38
CA ILE A 262 12.31 -7.30 27.86
C ILE A 262 13.62 -6.99 27.18
N ASP A 263 14.73 -7.44 27.75
CA ASP A 263 16.02 -7.09 27.20
C ASP A 263 16.92 -8.24 26.77
N PHE A 264 17.21 -8.28 25.47
CA PHE A 264 18.15 -9.23 24.90
C PHE A 264 19.00 -8.51 23.88
N SER A 265 19.24 -7.22 24.12
CA SER A 265 20.09 -6.43 23.26
C SER A 265 21.57 -6.73 23.52
N GLU A 266 22.42 -6.39 22.56
CA GLU A 266 23.84 -6.65 22.72
C GLU A 266 24.11 -8.15 22.68
N MET B 7 -3.61 -14.03 -23.15
CA MET B 7 -3.38 -14.29 -21.70
C MET B 7 -3.39 -13.01 -20.87
N LEU B 8 -2.31 -12.23 -20.94
CA LEU B 8 -2.16 -11.04 -20.10
C LEU B 8 -2.22 -9.70 -20.84
N THR B 9 -3.20 -8.88 -20.49
CA THR B 9 -3.37 -7.58 -21.10
C THR B 9 -3.29 -6.48 -20.06
N ILE B 10 -2.63 -5.37 -20.41
CA ILE B 10 -2.56 -4.20 -19.54
C ILE B 10 -3.25 -2.99 -20.15
N LEU B 11 -4.35 -2.57 -19.54
CA LEU B 11 -5.15 -1.48 -20.06
C LEU B 11 -4.95 -0.21 -19.25
N LYS B 12 -4.30 0.79 -19.84
CA LYS B 12 -4.14 2.07 -19.17
C LYS B 12 -5.31 2.98 -19.48
N LEU B 13 -5.88 3.56 -18.43
CA LEU B 13 -6.95 4.52 -18.61
C LEU B 13 -6.39 5.93 -18.47
N GLY B 14 -6.17 6.59 -19.60
CA GLY B 14 -5.53 7.90 -19.62
C GLY B 14 -6.18 8.88 -18.68
N GLY B 15 -5.41 9.38 -17.72
CA GLY B 15 -5.91 10.37 -16.78
C GLY B 15 -6.46 11.54 -17.55
N SER B 16 -7.74 11.44 -17.93
CA SER B 16 -8.33 12.42 -18.82
C SER B 16 -9.75 11.99 -19.15
N ILE B 17 -9.88 10.72 -19.51
CA ILE B 17 -11.19 10.15 -19.80
C ILE B 17 -11.88 9.75 -18.51
N LEU B 18 -11.18 9.88 -17.38
CA LEU B 18 -11.71 9.51 -16.08
C LEU B 18 -12.01 10.73 -15.22
N SER B 19 -11.14 11.73 -15.31
CA SER B 19 -11.36 12.96 -14.59
C SER B 19 -10.88 14.11 -15.43
N ASP B 20 -11.61 15.21 -15.36
CA ASP B 20 -11.23 16.42 -16.07
C ASP B 20 -10.10 17.10 -15.32
N LYS B 21 -8.93 17.16 -15.93
CA LYS B 21 -7.73 17.67 -15.27
C LYS B 21 -7.77 19.15 -14.92
N ASN B 22 -8.65 19.90 -15.60
CA ASN B 22 -8.80 21.32 -15.29
C ASN B 22 -9.82 21.55 -14.19
N VAL B 23 -10.42 20.48 -13.71
CA VAL B 23 -11.39 20.55 -12.63
C VAL B 23 -10.96 19.68 -11.46
N PRO B 24 -10.13 20.25 -10.57
CA PRO B 24 -9.63 19.59 -9.37
C PRO B 24 -10.69 18.78 -8.64
N TYR B 25 -10.41 17.50 -8.43
CA TYR B 25 -11.31 16.60 -7.70
C TYR B 25 -12.57 16.24 -8.47
N SER B 26 -12.55 16.37 -9.78
CA SER B 26 -13.70 16.01 -10.59
C SER B 26 -13.61 14.55 -11.02
N ILE B 27 -14.76 13.98 -11.34
CA ILE B 27 -14.84 12.62 -11.87
C ILE B 27 -15.84 12.63 -13.01
N LYS B 28 -15.48 11.98 -14.12
CA LYS B 28 -16.40 11.79 -15.22
C LYS B 28 -17.19 10.52 -14.98
N TRP B 29 -18.27 10.64 -14.22
CA TRP B 29 -19.00 9.48 -13.75
C TRP B 29 -19.55 8.59 -14.86
N ASP B 30 -20.31 9.17 -15.78
CA ASP B 30 -20.90 8.38 -16.87
C ASP B 30 -19.81 7.68 -17.69
N ASN B 31 -18.74 8.40 -17.99
CA ASN B 31 -17.66 7.84 -18.79
C ASN B 31 -16.99 6.68 -18.05
N LEU B 32 -16.75 6.89 -16.77
CA LEU B 32 -16.17 5.87 -15.91
C LEU B 32 -17.07 4.63 -15.83
N GLU B 33 -18.36 4.86 -15.68
CA GLU B 33 -19.30 3.75 -15.57
C GLU B 33 -19.42 2.97 -16.88
N ARG B 34 -19.37 3.69 -17.99
CA ARG B 34 -19.34 3.06 -19.31
C ARG B 34 -18.06 2.23 -19.49
N ILE B 35 -16.94 2.80 -19.10
CA ILE B 35 -15.68 2.11 -19.26
C ILE B 35 -15.66 0.81 -18.46
N ALA B 36 -16.17 0.87 -17.23
CA ALA B 36 -16.27 -0.33 -16.39
C ALA B 36 -17.12 -1.39 -17.07
N MET B 37 -18.23 -0.95 -17.66
CA MET B 37 -19.15 -1.86 -18.32
C MET B 37 -18.48 -2.59 -19.49
N GLU B 38 -17.80 -1.82 -20.32
CA GLU B 38 -17.14 -2.39 -21.49
C GLU B 38 -16.10 -3.42 -21.07
N ILE B 39 -15.34 -3.10 -20.03
CA ILE B 39 -14.36 -4.04 -19.49
C ILE B 39 -15.06 -5.31 -19.02
N LYS B 40 -16.18 -5.14 -18.32
CA LYS B 40 -16.97 -6.26 -17.85
C LYS B 40 -17.47 -7.11 -19.01
N ASN B 41 -18.08 -6.45 -20.00
CA ASN B 41 -18.55 -7.15 -21.20
C ASN B 41 -17.40 -7.91 -21.86
N ALA B 42 -16.25 -7.27 -21.93
CA ALA B 42 -15.07 -7.90 -22.50
C ALA B 42 -14.67 -9.15 -21.73
N LEU B 43 -14.43 -9.01 -20.43
CA LEU B 43 -14.09 -10.16 -19.61
C LEU B 43 -15.12 -11.26 -19.79
N ASP B 44 -16.39 -10.89 -19.86
CA ASP B 44 -17.46 -11.85 -20.05
C ASP B 44 -17.33 -12.55 -21.40
N TYR B 45 -17.00 -11.78 -22.42
CA TYR B 45 -16.79 -12.34 -23.74
C TYR B 45 -15.80 -13.50 -23.69
N TYR B 46 -14.72 -13.32 -22.95
CA TYR B 46 -13.67 -14.33 -22.83
C TYR B 46 -14.13 -15.57 -22.06
N LYS B 47 -14.87 -15.36 -20.96
CA LYS B 47 -15.40 -16.47 -20.21
C LYS B 47 -16.19 -17.40 -21.12
N ASN B 48 -16.90 -16.80 -22.08
CA ASN B 48 -17.68 -17.56 -23.06
C ASN B 48 -16.79 -18.44 -23.94
N GLN B 49 -15.79 -17.83 -24.57
CA GLN B 49 -14.83 -18.57 -25.38
C GLN B 49 -13.98 -19.47 -24.51
N ASN B 50 -14.39 -19.64 -23.26
CA ASN B 50 -13.59 -20.39 -22.30
C ASN B 50 -12.11 -20.07 -22.41
N LYS B 51 -11.81 -18.80 -22.69
CA LYS B 51 -10.42 -18.35 -22.79
C LYS B 51 -10.01 -17.59 -21.54
N GLU B 52 -8.91 -18.04 -20.93
CA GLU B 52 -8.38 -17.43 -19.73
C GLU B 52 -7.64 -16.13 -20.04
N ILE B 53 -8.12 -15.02 -19.48
CA ILE B 53 -7.46 -13.75 -19.65
C ILE B 53 -7.06 -13.11 -18.32
N LYS B 54 -5.82 -12.65 -18.23
CA LYS B 54 -5.31 -11.95 -17.06
C LYS B 54 -5.22 -10.47 -17.37
N LEU B 55 -5.78 -9.63 -16.50
CA LEU B 55 -5.91 -8.21 -16.80
C LEU B 55 -5.42 -7.30 -15.70
N ILE B 56 -4.49 -6.41 -16.03
CA ILE B 56 -4.06 -5.37 -15.11
C ILE B 56 -4.56 -4.02 -15.60
N LEU B 57 -4.93 -3.16 -14.66
CA LEU B 57 -5.43 -1.83 -15.01
C LEU B 57 -4.58 -0.73 -14.42
N VAL B 58 -4.27 0.27 -15.24
CA VAL B 58 -3.57 1.45 -14.76
C VAL B 58 -4.36 2.72 -15.07
N HIS B 59 -4.38 3.64 -14.11
CA HIS B 59 -4.95 4.97 -14.35
C HIS B 59 -3.97 6.02 -13.88
N GLY B 60 -4.23 7.27 -14.25
CA GLY B 60 -3.36 8.38 -13.86
C GLY B 60 -3.85 9.09 -12.61
N GLY B 61 -3.30 10.28 -12.37
CA GLY B 61 -3.66 11.08 -11.21
C GLY B 61 -4.85 11.96 -11.50
N GLY B 62 -5.28 11.95 -12.76
CA GLY B 62 -6.41 12.77 -13.17
C GLY B 62 -6.47 14.07 -12.39
N ALA B 63 -7.67 14.46 -11.97
CA ALA B 63 -7.86 15.74 -11.29
C ALA B 63 -7.60 15.59 -9.81
N PHE B 64 -6.85 14.55 -9.45
CA PHE B 64 -6.59 14.26 -8.05
C PHE B 64 -5.11 14.35 -7.74
N GLY B 65 -4.32 13.53 -8.42
CA GLY B 65 -2.88 13.52 -8.18
C GLY B 65 -2.26 14.87 -8.43
N HIS B 66 -2.47 15.40 -9.64
CA HIS B 66 -1.80 16.63 -10.06
C HIS B 66 -2.14 17.85 -9.20
N PRO B 67 -3.42 18.16 -9.05
CA PRO B 67 -3.77 19.37 -8.32
C PRO B 67 -3.11 19.44 -6.95
N VAL B 68 -2.99 18.31 -6.27
CA VAL B 68 -2.42 18.32 -4.92
C VAL B 68 -0.89 18.32 -4.96
N ALA B 69 -0.32 17.52 -5.85
CA ALA B 69 1.12 17.51 -6.04
C ALA B 69 1.60 18.93 -6.23
N LYS B 70 0.93 19.65 -7.13
CA LYS B 70 1.26 21.03 -7.44
C LYS B 70 1.65 21.83 -6.20
N LYS B 71 0.88 21.68 -5.12
CA LYS B 71 1.12 22.44 -3.89
C LYS B 71 2.51 22.20 -3.27
N TYR B 72 3.23 21.19 -3.75
CA TYR B 72 4.52 20.83 -3.16
C TYR B 72 5.67 20.82 -4.18
N LEU B 73 5.39 21.33 -5.38
CA LEU B 73 6.41 21.51 -6.40
C LEU B 73 6.70 22.99 -6.59
N LYS B 74 7.94 23.39 -6.33
CA LYS B 74 8.34 24.77 -6.64
C LYS B 74 9.56 24.79 -7.55
N ILE B 75 9.59 25.75 -8.47
CA ILE B 75 10.68 25.83 -9.45
C ILE B 75 11.97 26.36 -8.84
N GLU B 76 12.96 25.48 -8.71
CA GLU B 76 14.25 25.83 -8.16
C GLU B 76 15.27 26.01 -9.28
N ASP B 77 15.04 27.00 -10.14
CA ASP B 77 15.94 27.26 -11.25
C ASP B 77 15.62 26.30 -12.41
N GLY B 78 14.41 26.41 -12.92
CA GLY B 78 13.96 25.54 -14.02
C GLY B 78 13.82 24.08 -13.64
N LYS B 79 13.90 23.79 -12.33
CA LYS B 79 13.85 22.42 -11.87
C LYS B 79 12.73 22.18 -10.86
N LYS B 80 11.86 21.22 -11.14
CA LYS B 80 10.78 20.86 -10.23
C LYS B 80 11.35 20.36 -8.90
N ILE B 81 10.96 20.98 -7.80
CA ILE B 81 11.42 20.55 -6.48
C ILE B 81 10.26 20.31 -5.51
N PHE B 82 10.31 19.18 -4.83
CA PHE B 82 9.33 18.84 -3.80
C PHE B 82 9.78 19.38 -2.46
N ILE B 83 8.90 20.11 -1.78
CA ILE B 83 9.18 20.55 -0.42
C ILE B 83 8.03 20.23 0.52
N ASN B 84 8.28 20.35 1.81
CA ASN B 84 7.24 20.12 2.81
C ASN B 84 6.60 18.74 2.65
N MET B 85 7.41 17.78 2.23
CA MET B 85 6.94 16.43 2.01
C MET B 85 6.66 15.72 3.32
N GLU B 86 6.98 16.37 4.42
CA GLU B 86 6.56 15.86 5.71
C GLU B 86 5.03 15.89 5.75
N LYS B 87 4.45 16.70 4.87
CA LYS B 87 3.00 16.80 4.72
C LYS B 87 2.63 16.34 3.32
N GLY B 88 3.46 16.69 2.36
CA GLY B 88 3.17 16.45 0.95
C GLY B 88 3.02 14.99 0.59
N PHE B 89 3.86 14.14 1.19
CA PHE B 89 3.81 12.73 0.83
C PHE B 89 2.45 12.11 1.13
N TRP B 90 1.95 12.33 2.34
CA TRP B 90 0.63 11.83 2.72
C TRP B 90 -0.46 12.46 1.86
N GLU B 91 -0.43 13.78 1.77
CA GLU B 91 -1.49 14.50 1.08
C GLU B 91 -1.63 14.06 -0.36
N ILE B 92 -0.52 13.67 -0.97
CA ILE B 92 -0.55 13.15 -2.33
C ILE B 92 -1.00 11.69 -2.34
N GLN B 93 -0.60 10.95 -1.32
CA GLN B 93 -1.08 9.59 -1.14
C GLN B 93 -2.61 9.62 -1.00
N ARG B 94 -3.08 10.47 -0.10
CA ARG B 94 -4.50 10.51 0.22
C ARG B 94 -5.32 10.79 -1.03
N ALA B 95 -4.93 11.83 -1.76
CA ALA B 95 -5.63 12.21 -2.97
C ALA B 95 -5.71 11.01 -3.91
N MET B 96 -4.59 10.35 -4.12
CA MET B 96 -4.53 9.23 -5.05
C MET B 96 -5.36 8.05 -4.54
N ARG B 97 -5.44 7.92 -3.22
CA ARG B 97 -6.30 6.89 -2.63
C ARG B 97 -7.78 7.14 -2.91
N ARG B 98 -8.22 8.38 -2.75
CA ARG B 98 -9.60 8.75 -3.05
C ARG B 98 -9.91 8.30 -4.46
N PHE B 99 -9.09 8.77 -5.40
CA PHE B 99 -9.25 8.45 -6.80
C PHE B 99 -9.24 6.94 -7.01
N ASN B 100 -8.28 6.25 -6.41
CA ASN B 100 -8.18 4.80 -6.57
C ASN B 100 -9.42 4.08 -6.06
N ASN B 101 -9.91 4.50 -4.90
CA ASN B 101 -11.12 3.94 -4.31
C ASN B 101 -12.29 4.06 -5.26
N ILE B 102 -12.50 5.27 -5.74
CA ILE B 102 -13.63 5.55 -6.61
C ILE B 102 -13.60 4.67 -7.85
N ILE B 103 -12.43 4.49 -8.44
CA ILE B 103 -12.30 3.67 -9.63
C ILE B 103 -12.57 2.20 -9.32
N ILE B 104 -11.91 1.69 -8.27
CA ILE B 104 -12.07 0.30 -7.88
C ILE B 104 -13.51 -0.02 -7.48
N ASP B 105 -14.14 0.86 -6.70
CA ASP B 105 -15.53 0.65 -6.30
C ASP B 105 -16.41 0.47 -7.54
N THR B 106 -16.24 1.37 -8.52
CA THR B 106 -17.06 1.32 -9.73
C THR B 106 -16.82 0.03 -10.51
N LEU B 107 -15.56 -0.34 -10.66
CA LEU B 107 -15.23 -1.61 -11.27
C LEU B 107 -15.90 -2.76 -10.51
N GLN B 108 -15.92 -2.67 -9.19
CA GLN B 108 -16.50 -3.74 -8.38
C GLN B 108 -18.00 -3.85 -8.61
N SER B 109 -18.65 -2.69 -8.73
CA SER B 109 -20.08 -2.66 -8.96
C SER B 109 -20.45 -3.41 -10.24
N TYR B 110 -19.47 -3.66 -11.11
CA TYR B 110 -19.69 -4.45 -12.32
C TYR B 110 -19.10 -5.85 -12.17
N ASP B 111 -18.92 -6.27 -10.93
CA ASP B 111 -18.41 -7.60 -10.65
C ASP B 111 -17.04 -7.83 -11.27
N ILE B 112 -16.33 -6.73 -11.50
CA ILE B 112 -14.91 -6.81 -11.87
C ILE B 112 -14.06 -6.91 -10.60
N PRO B 113 -13.31 -8.01 -10.46
CA PRO B 113 -12.54 -8.32 -9.25
C PRO B 113 -11.30 -7.42 -9.07
N ALA B 114 -11.53 -6.11 -9.01
CA ALA B 114 -10.43 -5.14 -8.90
C ALA B 114 -9.83 -5.09 -7.51
N VAL B 115 -8.53 -4.82 -7.44
CA VAL B 115 -7.82 -4.66 -6.16
C VAL B 115 -6.80 -3.54 -6.24
N SER B 116 -6.51 -2.91 -5.10
CA SER B 116 -5.63 -1.75 -5.07
C SER B 116 -4.14 -2.06 -5.03
N ILE B 117 -3.40 -1.52 -6.00
CA ILE B 117 -1.94 -1.51 -5.93
C ILE B 117 -1.50 -0.07 -5.73
N GLN B 118 -0.91 0.20 -4.57
CA GLN B 118 -0.51 1.55 -4.19
C GLN B 118 1.02 1.65 -4.17
N PRO B 119 1.59 2.27 -5.22
CA PRO B 119 3.04 2.30 -5.41
C PRO B 119 3.77 3.00 -4.27
N SER B 120 3.21 4.12 -3.81
CA SER B 120 3.85 4.91 -2.76
C SER B 120 4.38 4.05 -1.59
N SER B 121 3.78 2.88 -1.39
CA SER B 121 4.15 2.07 -0.24
C SER B 121 5.41 1.23 -0.44
N PHE B 122 5.79 0.96 -1.69
CA PHE B 122 6.88 0.01 -1.92
C PHE B 122 7.74 0.28 -3.15
N VAL B 123 7.32 1.20 -3.99
CA VAL B 123 8.06 1.48 -5.21
C VAL B 123 9.11 2.56 -4.99
N VAL B 124 10.37 2.24 -5.30
CA VAL B 124 11.43 3.22 -5.22
C VAL B 124 11.95 3.52 -6.62
N PHE B 125 11.77 4.76 -7.05
CA PHE B 125 12.19 5.14 -8.39
C PHE B 125 13.68 5.45 -8.39
N GLY B 126 14.48 4.48 -7.97
CA GLY B 126 15.93 4.64 -7.99
C GLY B 126 16.48 4.51 -9.41
N ASP B 127 17.69 5.03 -9.61
CA ASP B 127 18.37 4.89 -10.89
C ASP B 127 17.95 3.60 -11.57
N LYS B 128 17.85 2.53 -10.79
CA LYS B 128 17.23 1.30 -11.27
C LYS B 128 15.86 1.16 -10.60
N LEU B 129 14.79 1.28 -11.37
CA LEU B 129 13.44 1.21 -10.84
C LEU B 129 13.22 0.01 -9.93
N ILE B 130 12.78 0.25 -8.70
CA ILE B 130 12.52 -0.83 -7.76
C ILE B 130 11.02 -0.99 -7.52
N PHE B 131 10.51 -2.20 -7.69
CA PHE B 131 9.08 -2.42 -7.81
C PHE B 131 8.78 -3.91 -7.84
N ASP B 132 8.68 -4.52 -6.66
CA ASP B 132 8.44 -5.96 -6.52
C ASP B 132 7.05 -6.34 -7.04
N THR B 133 7.01 -7.16 -8.09
CA THR B 133 5.75 -7.55 -8.70
C THR B 133 5.25 -8.90 -8.18
N SER B 134 5.93 -9.44 -7.19
CA SER B 134 5.56 -10.74 -6.66
C SER B 134 4.07 -10.77 -6.33
N ALA B 135 3.63 -9.78 -5.58
CA ALA B 135 2.22 -9.69 -5.18
C ALA B 135 1.30 -9.69 -6.39
N ILE B 136 1.60 -8.87 -7.39
CA ILE B 136 0.78 -8.81 -8.59
C ILE B 136 0.71 -10.14 -9.34
N LYS B 137 1.83 -10.85 -9.45
CA LYS B 137 1.83 -12.12 -10.17
C LYS B 137 0.86 -13.10 -9.50
N GLU B 138 0.95 -13.18 -8.18
CA GLU B 138 0.02 -14.01 -7.41
C GLU B 138 -1.43 -13.59 -7.65
N MET B 139 -1.69 -12.29 -7.57
CA MET B 139 -3.05 -11.80 -7.77
C MET B 139 -3.61 -12.26 -9.11
N LEU B 140 -2.74 -12.27 -10.12
CA LEU B 140 -3.14 -12.71 -11.44
C LEU B 140 -3.44 -14.21 -11.47
N LYS B 141 -2.69 -14.99 -10.70
CA LYS B 141 -2.99 -16.42 -10.58
C LYS B 141 -4.41 -16.65 -10.08
N ARG B 142 -4.94 -15.73 -9.28
CA ARG B 142 -6.30 -15.87 -8.76
C ARG B 142 -7.33 -15.19 -9.66
N ASN B 143 -6.90 -14.64 -10.78
CA ASN B 143 -7.79 -13.92 -11.68
C ASN B 143 -8.37 -12.65 -11.05
N LEU B 144 -7.64 -12.07 -10.11
CA LEU B 144 -7.99 -10.77 -9.58
C LEU B 144 -7.48 -9.73 -10.58
N VAL B 145 -8.02 -8.52 -10.48
CA VAL B 145 -7.62 -7.45 -11.38
C VAL B 145 -6.96 -6.30 -10.62
N PRO B 146 -5.62 -6.31 -10.55
CA PRO B 146 -4.84 -5.27 -9.90
C PRO B 146 -5.05 -3.93 -10.61
N VAL B 147 -5.44 -2.92 -9.83
CA VAL B 147 -5.57 -1.58 -10.36
C VAL B 147 -4.44 -0.71 -9.79
N ILE B 148 -3.57 -0.26 -10.68
CA ILE B 148 -2.39 0.47 -10.30
C ILE B 148 -2.58 1.93 -10.69
N HIS B 149 -2.01 2.84 -9.91
CA HIS B 149 -2.17 4.26 -10.20
C HIS B 149 -0.86 5.02 -10.06
N GLY B 150 -0.70 6.07 -10.85
CA GLY B 150 0.40 6.99 -10.67
C GLY B 150 0.33 7.48 -9.24
N ASP B 151 1.49 7.65 -8.62
CA ASP B 151 1.53 7.94 -7.20
C ASP B 151 2.77 8.77 -6.87
N ILE B 152 2.89 9.19 -5.61
CA ILE B 152 4.13 9.77 -5.14
C ILE B 152 5.00 8.62 -4.66
N VAL B 153 6.29 8.67 -4.96
CA VAL B 153 7.20 7.63 -4.54
C VAL B 153 8.56 8.17 -4.16
N ILE B 154 9.27 7.40 -3.33
CA ILE B 154 10.62 7.75 -2.94
C ILE B 154 11.56 7.60 -4.11
N ASP B 155 12.56 8.49 -4.17
CA ASP B 155 13.60 8.40 -5.18
C ASP B 155 14.96 8.51 -4.51
N ASP B 156 15.61 7.36 -4.31
CA ASP B 156 16.86 7.30 -3.56
C ASP B 156 17.96 8.20 -4.13
N LYS B 157 17.64 8.96 -5.17
CA LYS B 157 18.57 9.94 -5.71
C LYS B 157 18.04 11.37 -5.54
N ASN B 158 16.84 11.63 -6.04
CA ASN B 158 16.24 12.96 -5.97
C ASN B 158 15.25 13.16 -4.82
N GLY B 159 15.16 12.19 -3.93
CA GLY B 159 14.22 12.28 -2.82
C GLY B 159 12.82 11.79 -3.17
N TYR B 160 12.12 12.54 -4.01
CA TYR B 160 10.78 12.15 -4.42
C TYR B 160 10.57 12.28 -5.91
N ARG B 161 9.74 11.40 -6.45
CA ARG B 161 9.39 11.44 -7.86
C ARG B 161 7.90 11.12 -7.98
N ILE B 162 7.30 11.51 -9.10
CA ILE B 162 5.90 11.18 -9.34
C ILE B 162 5.79 10.12 -10.43
N ILE B 163 6.06 8.88 -10.09
CA ILE B 163 5.91 7.79 -11.04
C ILE B 163 4.57 7.94 -11.73
N SER B 164 4.56 7.77 -13.05
CA SER B 164 3.34 7.93 -13.81
C SER B 164 2.93 6.58 -14.41
N GLY B 165 1.74 6.55 -14.99
CA GLY B 165 1.24 5.34 -15.64
C GLY B 165 2.16 4.92 -16.76
N ASP B 166 2.68 5.89 -17.50
CA ASP B 166 3.59 5.61 -18.61
C ASP B 166 4.86 4.90 -18.12
N ASP B 167 5.13 5.01 -16.83
CA ASP B 167 6.26 4.29 -16.24
C ASP B 167 5.85 2.88 -15.88
N ILE B 168 4.79 2.80 -15.09
CA ILE B 168 4.29 1.52 -14.60
C ILE B 168 3.94 0.57 -15.75
N VAL B 169 3.27 1.11 -16.77
CA VAL B 169 2.78 0.25 -17.84
C VAL B 169 3.88 -0.53 -18.56
N PRO B 170 4.83 0.17 -19.18
CA PRO B 170 5.93 -0.50 -19.88
C PRO B 170 6.68 -1.44 -18.94
N TYR B 171 7.08 -0.92 -17.79
CA TYR B 171 7.76 -1.75 -16.80
C TYR B 171 7.06 -3.10 -16.65
N LEU B 172 5.79 -3.07 -16.26
CA LEU B 172 5.03 -4.30 -15.99
C LEU B 172 4.84 -5.16 -17.23
N ALA B 173 4.57 -4.51 -18.36
CA ALA B 173 4.42 -5.24 -19.62
C ALA B 173 5.64 -6.12 -19.84
N ASN B 174 6.81 -5.57 -19.57
CA ASN B 174 8.03 -6.29 -19.74
C ASN B 174 8.31 -7.20 -18.55
N GLU B 175 8.23 -6.63 -17.36
CA GLU B 175 8.45 -7.40 -16.14
C GLU B 175 7.52 -8.61 -16.04
N LEU B 176 6.33 -8.51 -16.63
CA LEU B 176 5.34 -9.58 -16.55
C LEU B 176 5.11 -10.29 -17.89
N LYS B 177 5.70 -9.76 -18.96
CA LYS B 177 5.64 -10.42 -20.25
C LYS B 177 4.25 -10.30 -20.88
N ALA B 178 3.66 -9.11 -20.78
CA ALA B 178 2.29 -8.89 -21.26
C ALA B 178 2.12 -9.21 -22.75
N ASP B 179 1.01 -9.85 -23.08
CA ASP B 179 0.70 -10.18 -24.47
C ASP B 179 0.18 -8.97 -25.25
N LEU B 180 -0.60 -8.13 -24.58
CA LEU B 180 -1.20 -6.97 -25.23
C LEU B 180 -1.14 -5.72 -24.36
N ILE B 181 -0.87 -4.57 -24.98
CA ILE B 181 -0.80 -3.30 -24.26
C ILE B 181 -1.75 -2.24 -24.81
N LEU B 182 -2.56 -1.67 -23.93
CA LEU B 182 -3.60 -0.74 -24.34
C LEU B 182 -3.45 0.62 -23.67
N TYR B 183 -3.45 1.67 -24.47
CA TYR B 183 -3.40 3.03 -23.96
C TYR B 183 -4.68 3.77 -24.32
N ALA B 184 -5.65 3.78 -23.41
CA ALA B 184 -6.89 4.49 -23.64
C ALA B 184 -6.71 5.97 -23.34
N THR B 185 -7.20 6.82 -24.24
CA THR B 185 -7.04 8.26 -24.10
C THR B 185 -8.06 9.04 -24.93
N ASP B 186 -7.95 10.36 -24.89
CA ASP B 186 -8.96 11.23 -25.49
C ASP B 186 -8.67 11.58 -26.95
N VAL B 187 -7.67 10.94 -27.52
CA VAL B 187 -7.34 11.14 -28.94
C VAL B 187 -7.35 9.82 -29.72
N ASP B 188 -7.81 9.87 -30.96
CA ASP B 188 -7.97 8.68 -31.79
C ASP B 188 -6.67 7.89 -32.00
N GLY B 189 -5.60 8.34 -31.35
CA GLY B 189 -4.29 7.69 -31.50
C GLY B 189 -3.22 8.76 -31.53
N VAL B 190 -1.98 8.36 -31.81
CA VAL B 190 -0.90 9.34 -31.95
C VAL B 190 -1.16 10.21 -33.17
N LEU B 191 -1.24 11.52 -32.94
CA LEU B 191 -1.59 12.48 -33.97
C LEU B 191 -0.37 13.13 -34.61
N ILE B 192 -0.26 13.02 -35.93
CA ILE B 192 0.76 13.75 -36.68
C ILE B 192 0.08 14.65 -37.69
N ASP B 193 0.39 15.93 -37.64
CA ASP B 193 -0.29 16.91 -38.48
C ASP B 193 -1.79 16.73 -38.28
N ASN B 194 -2.16 16.27 -37.09
CA ASN B 194 -3.55 16.06 -36.72
C ASN B 194 -4.15 14.81 -37.34
N LYS B 195 -3.30 13.82 -37.62
CA LYS B 195 -3.76 12.53 -38.12
C LYS B 195 -3.15 11.38 -37.34
N PRO B 196 -3.99 10.41 -36.95
CA PRO B 196 -3.55 9.22 -36.22
C PRO B 196 -2.83 8.25 -37.15
N ILE B 197 -1.52 8.17 -37.03
CA ILE B 197 -0.73 7.26 -37.85
C ILE B 197 -1.15 5.82 -37.60
N LYS B 198 -1.41 5.10 -38.68
CA LYS B 198 -1.84 3.70 -38.61
C LYS B 198 -0.89 2.85 -37.76
N ARG B 199 0.41 3.14 -37.84
CA ARG B 199 1.42 2.32 -37.16
C ARG B 199 2.69 3.09 -36.87
N ILE B 200 3.59 2.45 -36.11
CA ILE B 200 4.90 3.03 -35.80
C ILE B 200 5.94 1.94 -35.58
N ASP B 201 6.99 1.95 -36.39
CA ASP B 201 7.98 0.86 -36.39
C ASP B 201 9.42 1.34 -36.13
N LYS B 202 10.36 0.61 -36.73
CA LYS B 202 11.76 1.00 -36.76
C LYS B 202 11.99 1.91 -37.95
N ASN B 203 11.02 1.91 -38.87
CA ASN B 203 11.13 2.66 -40.12
C ASN B 203 10.77 4.13 -39.97
N ASN B 204 9.47 4.41 -39.89
CA ASN B 204 8.99 5.79 -39.81
C ASN B 204 9.16 6.39 -38.41
N ILE B 205 9.79 5.65 -37.51
CA ILE B 205 10.02 6.12 -36.15
C ILE B 205 10.95 7.32 -36.13
N TYR B 206 12.14 7.16 -36.70
CA TYR B 206 13.14 8.22 -36.74
C TYR B 206 12.52 9.59 -37.01
N LYS B 207 11.80 9.70 -38.12
CA LYS B 207 11.20 10.96 -38.53
C LYS B 207 10.03 11.38 -37.64
N ILE B 208 9.78 10.63 -36.57
CA ILE B 208 8.68 10.96 -35.65
C ILE B 208 9.17 11.53 -34.32
N LEU B 209 10.19 10.92 -33.74
CA LEU B 209 10.81 11.48 -32.55
C LEU B 209 11.16 12.93 -32.82
N ASN B 210 11.48 13.22 -34.06
CA ASN B 210 11.82 14.58 -34.47
C ASN B 210 10.60 15.48 -34.46
N TYR B 211 9.57 15.07 -35.19
CA TYR B 211 8.31 15.80 -35.19
C TYR B 211 7.91 16.15 -33.76
N LEU B 212 8.12 15.21 -32.85
CA LEU B 212 7.79 15.42 -31.45
C LEU B 212 8.81 16.29 -30.77
N GLY B 223 -0.64 9.43 -27.64
CA GLY B 223 0.59 9.17 -26.91
C GLY B 223 1.63 10.21 -27.22
N MET B 224 2.38 10.62 -26.21
CA MET B 224 3.39 11.65 -26.39
C MET B 224 4.77 11.05 -26.62
N LYS B 225 5.80 11.88 -26.51
CA LYS B 225 7.18 11.44 -26.66
C LYS B 225 7.52 10.40 -25.62
N TYR B 226 7.45 10.80 -24.35
CA TYR B 226 7.80 9.94 -23.22
C TYR B 226 7.36 8.49 -23.43
N LYS B 227 6.07 8.27 -23.65
CA LYS B 227 5.57 6.93 -23.93
C LYS B 227 6.40 6.29 -25.03
N ILE B 228 5.90 6.42 -26.26
CA ILE B 228 6.54 5.84 -27.42
C ILE B 228 7.98 5.46 -27.14
N GLU B 229 8.71 6.35 -26.49
CA GLU B 229 10.14 6.13 -26.25
C GLU B 229 10.43 4.94 -25.34
N MET B 230 9.90 4.96 -24.11
CA MET B 230 10.17 3.86 -23.19
C MET B 230 9.18 2.70 -23.32
N ILE B 231 8.49 2.65 -24.46
CA ILE B 231 7.66 1.51 -24.81
C ILE B 231 8.23 0.83 -26.05
N ARG B 232 9.31 1.41 -26.58
CA ARG B 232 10.15 0.75 -27.57
C ARG B 232 11.40 0.26 -26.84
N LYS B 233 11.81 1.03 -25.84
CA LYS B 233 12.93 0.69 -24.99
C LYS B 233 12.72 -0.65 -24.30
N ASN B 234 11.49 -1.13 -24.28
CA ASN B 234 11.16 -2.43 -23.70
C ASN B 234 10.74 -3.40 -24.79
N LYS B 235 11.00 -3.02 -26.03
CA LYS B 235 10.53 -3.79 -27.19
C LYS B 235 9.10 -4.28 -27.00
N CYS B 236 8.19 -3.35 -26.71
CA CYS B 236 6.79 -3.66 -26.51
C CYS B 236 6.00 -3.48 -27.79
N ARG B 237 4.68 -3.64 -27.69
CA ARG B 237 3.77 -3.44 -28.82
C ARG B 237 2.38 -3.09 -28.31
N GLY B 238 2.08 -1.80 -28.22
CA GLY B 238 0.80 -1.34 -27.68
C GLY B 238 -0.05 -0.56 -28.66
N PHE B 239 -1.31 -0.32 -28.28
CA PHE B 239 -2.21 0.48 -29.08
C PHE B 239 -2.59 1.77 -28.36
N VAL B 240 -2.48 2.88 -29.06
CA VAL B 240 -2.98 4.15 -28.57
C VAL B 240 -4.26 4.45 -29.31
N PHE B 241 -5.35 4.64 -28.57
CA PHE B 241 -6.66 4.89 -29.18
C PHE B 241 -7.50 5.82 -28.32
N ASN B 242 -8.76 5.95 -28.70
CA ASN B 242 -9.66 6.89 -28.04
C ASN B 242 -10.61 6.18 -27.08
N GLY B 243 -10.45 6.44 -25.79
CA GLY B 243 -11.27 5.82 -24.76
C GLY B 243 -12.61 6.49 -24.57
N ASN B 244 -12.83 7.59 -25.29
CA ASN B 244 -14.08 8.32 -25.16
C ASN B 244 -15.17 7.81 -26.10
N LYS B 245 -14.77 7.21 -27.21
CA LYS B 245 -15.75 6.69 -28.15
C LYS B 245 -16.31 5.36 -27.65
N ALA B 246 -17.62 5.36 -27.38
CA ALA B 246 -18.29 4.18 -26.86
C ALA B 246 -17.84 2.93 -27.60
N ASN B 247 -17.53 1.88 -26.85
CA ASN B 247 -17.16 0.59 -27.43
C ASN B 247 -15.69 0.41 -27.80
N ASN B 248 -14.93 1.50 -27.81
CA ASN B 248 -13.52 1.40 -28.14
C ASN B 248 -12.75 0.49 -27.19
N ILE B 249 -12.98 0.65 -25.89
CA ILE B 249 -12.29 -0.15 -24.90
C ILE B 249 -12.64 -1.62 -25.04
N TYR B 250 -13.93 -1.90 -25.19
CA TYR B 250 -14.39 -3.26 -25.41
C TYR B 250 -13.61 -3.88 -26.58
N LYS B 251 -13.70 -3.26 -27.75
CA LYS B 251 -12.99 -3.75 -28.93
C LYS B 251 -11.50 -3.92 -28.69
N ALA B 252 -10.86 -2.88 -28.16
CA ALA B 252 -9.43 -2.92 -27.89
C ALA B 252 -9.05 -4.19 -27.15
N LEU B 253 -9.91 -4.59 -26.21
CA LEU B 253 -9.62 -5.72 -25.35
C LEU B 253 -9.73 -7.05 -26.09
N LEU B 254 -10.53 -7.09 -27.15
CA LEU B 254 -10.70 -8.30 -27.93
C LEU B 254 -9.63 -8.48 -28.99
N GLY B 255 -8.61 -7.61 -28.96
CA GLY B 255 -7.52 -7.71 -29.90
C GLY B 255 -7.80 -7.03 -31.22
N GLU B 256 -8.67 -6.03 -31.17
CA GLU B 256 -8.94 -5.20 -32.33
C GLU B 256 -7.91 -4.07 -32.33
N VAL B 257 -7.86 -3.31 -33.41
CA VAL B 257 -7.02 -2.12 -33.49
C VAL B 257 -7.90 -0.96 -33.93
N GLU B 258 -7.92 0.11 -33.14
CA GLU B 258 -8.75 1.26 -33.52
C GLU B 258 -7.96 2.57 -33.49
N GLY B 259 -6.65 2.48 -33.27
CA GLY B 259 -5.82 3.67 -33.19
C GLY B 259 -4.44 3.48 -33.78
N THR B 260 -3.44 3.97 -33.05
CA THR B 260 -2.06 3.92 -33.49
C THR B 260 -1.34 2.72 -32.91
N GLU B 261 -0.77 1.89 -33.76
CA GLU B 261 0.04 0.76 -33.30
C GLU B 261 1.49 1.18 -33.13
N ILE B 262 2.11 0.73 -32.04
CA ILE B 262 3.51 1.03 -31.76
C ILE B 262 4.28 -0.25 -31.50
N ASP B 263 4.94 -0.77 -32.54
CA ASP B 263 5.61 -2.06 -32.43
C ASP B 263 7.11 -1.96 -32.20
N PHE B 264 7.62 -2.74 -31.24
CA PHE B 264 9.05 -2.78 -30.94
C PHE B 264 9.43 -4.06 -30.20
#